data_5EBD
#
_entry.id   5EBD
#
_cell.length_a   30.810
_cell.length_b   111.160
_cell.length_c   62.740
_cell.angle_alpha   90.00
_cell.angle_beta   103.07
_cell.angle_gamma   90.00
#
_symmetry.space_group_name_H-M   'P 1 21 1'
#
loop_
_entity.id
_entity.type
_entity.pdbx_description
1 polymer 'ESX-1 secretion system protein eccB1'
2 non-polymer 'CALCIUM ION'
3 non-polymer 'CHLORIDE ION'
4 water water
#
_entity_poly.entity_id   1
_entity_poly.type   'polypeptide(L)'
_entity_poly.pdbx_seq_one_letter_code
;MGSSHHHHHHSSGLEVLFQGPHMGTSLFTDRATNQLYVLLSGQLHPVYNLTSARLVLGNPANPATVKSSELSKLPMGQTV
GIPGAPYATPVSAGSTSIWTLCDTVARADSTSPVVQTAVIAMPLEIDASIDPLQSHEAVLVSYQGETWIVTTKGRHAIDL
TDRALTSSMGIPVTARPTPISEGMFNALPDMGPWQLPPIPAAGAPNSLGLPDDLVIGSVFQIHTDKGPQYYVVLPDGIAQ
VNATTAAALRATQAHGLVAPPAMVPSLVVRIAERVYPSPLPDEPLKIVSRPQDPALCWSWQRSAGDQSPQSTVLSGRHLP
ISPSAMNMGIKQIHGTATVYLDGGKFVALQSPDPRYTESMYYIDPQGVRYGVPNAETAKSLGLSSPQNAPWEIVRLLVDG
PVLSKDAALLEHDTLPADPSPRKVPAGASGAP
;
_entity_poly.pdbx_strand_id   A
#
# COMPACT_ATOMS: atom_id res chain seq x y z
N THR A 25 31.31 0.97 35.66
CA THR A 25 31.26 0.64 34.24
C THR A 25 31.41 -0.87 34.03
N SER A 26 30.48 -1.44 33.26
CA SER A 26 30.51 -2.87 32.95
C SER A 26 30.41 -3.09 31.44
N LEU A 27 31.03 -2.20 30.68
CA LEU A 27 31.02 -2.30 29.22
C LEU A 27 32.32 -1.73 28.65
N PHE A 28 33.08 -2.57 27.96
CA PHE A 28 34.42 -2.21 27.52
C PHE A 28 34.69 -2.56 26.06
N THR A 29 35.47 -1.73 25.39
CA THR A 29 35.92 -2.02 24.03
C THR A 29 37.44 -2.10 23.98
N ASP A 30 37.96 -3.23 23.53
CA ASP A 30 39.40 -3.37 23.33
C ASP A 30 39.80 -2.53 22.12
N ARG A 31 40.67 -1.54 22.36
CA ARG A 31 41.03 -0.57 21.32
C ARG A 31 41.62 -1.21 20.06
N ALA A 32 42.13 -2.43 20.19
CA ALA A 32 42.70 -3.14 19.06
C ALA A 32 41.66 -4.04 18.40
N THR A 33 41.08 -4.94 19.18
CA THR A 33 40.12 -5.91 18.66
C THR A 33 38.78 -5.27 18.31
N ASN A 34 38.48 -4.15 18.98
CA ASN A 34 37.19 -3.47 18.86
C ASN A 34 36.02 -4.34 19.31
N GLN A 35 36.33 -5.47 19.93
CA GLN A 35 35.32 -6.40 20.42
C GLN A 35 34.72 -5.92 21.73
N LEU A 36 33.40 -5.99 21.83
CA LEU A 36 32.70 -5.54 23.02
C LEU A 36 32.70 -6.60 24.10
N TYR A 37 32.97 -6.18 25.33
CA TYR A 37 32.92 -7.07 26.48
C TYR A 37 32.01 -6.50 27.54
N VAL A 38 31.21 -7.36 28.16
CA VAL A 38 30.31 -6.93 29.23
C VAL A 38 30.45 -7.78 30.49
N LEU A 39 30.74 -7.12 31.61
CA LEU A 39 30.84 -7.79 32.90
C LEU A 39 29.45 -8.03 33.47
N LEU A 40 29.09 -9.31 33.63
CA LEU A 40 27.87 -9.69 34.32
C LEU A 40 28.18 -10.84 35.27
N SER A 41 27.28 -11.12 36.20
CA SER A 41 27.52 -12.09 37.27
C SER A 41 28.78 -11.72 38.06
N GLY A 42 29.94 -12.06 37.51
CA GLY A 42 31.21 -11.74 38.15
C GLY A 42 32.40 -11.73 37.21
N GLN A 43 32.19 -12.14 35.96
CA GLN A 43 33.30 -12.23 35.01
C GLN A 43 32.95 -11.62 33.66
N LEU A 44 33.97 -11.38 32.84
CA LEU A 44 33.79 -10.77 31.53
C LEU A 44 33.19 -11.73 30.50
N HIS A 45 32.42 -11.18 29.57
CA HIS A 45 31.84 -11.95 28.48
C HIS A 45 31.93 -11.17 27.17
N PRO A 46 32.44 -11.81 26.11
CA PRO A 46 32.39 -11.19 24.79
C PRO A 46 30.94 -11.08 24.33
N VAL A 47 30.54 -9.91 23.86
CA VAL A 47 29.16 -9.70 23.42
C VAL A 47 29.11 -9.24 21.97
N TYR A 48 28.14 -9.75 21.22
CA TYR A 48 28.04 -9.52 19.77
C TYR A 48 27.93 -8.04 19.38
N ASN A 49 27.11 -7.30 20.11
CA ASN A 49 26.88 -5.90 19.76
C ASN A 49 26.41 -5.04 20.94
N LEU A 50 26.38 -3.73 20.70
CA LEU A 50 26.01 -2.77 21.73
C LEU A 50 24.56 -2.93 22.15
N THR A 51 23.73 -3.41 21.21
CA THR A 51 22.32 -3.66 21.47
C THR A 51 22.16 -4.75 22.52
N SER A 52 22.87 -5.85 22.32
CA SER A 52 22.80 -7.00 23.23
C SER A 52 23.35 -6.67 24.61
N ALA A 53 24.33 -5.77 24.67
CA ALA A 53 24.94 -5.39 25.95
C ALA A 53 24.01 -4.52 26.79
N ARG A 54 23.33 -3.57 26.13
CA ARG A 54 22.40 -2.70 26.84
C ARG A 54 21.16 -3.48 27.24
N LEU A 55 20.89 -4.56 26.52
CA LEU A 55 19.76 -5.44 26.82
C LEU A 55 20.00 -6.20 28.12
N VAL A 56 21.22 -6.73 28.28
CA VAL A 56 21.57 -7.51 29.46
C VAL A 56 21.90 -6.64 30.67
N LEU A 57 22.45 -5.46 30.43
CA LEU A 57 22.79 -4.54 31.52
C LEU A 57 21.56 -3.80 32.02
N GLY A 58 20.60 -3.58 31.13
CA GLY A 58 19.34 -2.96 31.51
C GLY A 58 19.31 -1.47 31.27
N ASN A 59 20.44 -0.91 30.82
CA ASN A 59 20.53 0.52 30.55
C ASN A 59 21.28 0.81 29.26
N PRO A 60 20.96 1.93 28.59
CA PRO A 60 21.65 2.31 27.34
C PRO A 60 23.08 2.74 27.61
N ALA A 61 23.91 1.79 28.01
CA ALA A 61 25.29 2.09 28.39
C ALA A 61 26.15 2.45 27.18
N ASN A 62 27.33 2.98 27.47
CA ASN A 62 28.32 3.30 26.44
C ASN A 62 29.68 2.70 26.81
N PRO A 63 30.35 2.09 25.83
CA PRO A 63 31.58 1.32 26.08
C PRO A 63 32.76 2.16 26.56
N ALA A 64 33.60 1.59 27.40
CA ALA A 64 34.79 2.26 27.89
C ALA A 64 36.04 1.60 27.29
N THR A 65 36.78 2.38 26.50
CA THR A 65 37.97 1.87 25.81
C THR A 65 39.05 1.41 26.77
N VAL A 66 39.50 0.17 26.59
CA VAL A 66 40.53 -0.41 27.45
C VAL A 66 41.58 -1.14 26.60
N LYS A 67 42.84 -0.98 26.97
CA LYS A 67 43.91 -1.72 26.31
C LYS A 67 43.73 -3.22 26.55
N SER A 68 44.42 -4.05 25.78
CA SER A 68 44.31 -5.49 25.91
C SER A 68 44.73 -5.99 27.30
N SER A 69 45.42 -5.13 28.03
CA SER A 69 45.94 -5.46 29.36
C SER A 69 44.84 -5.85 30.36
N GLU A 70 44.03 -4.88 30.78
CA GLU A 70 43.06 -5.09 31.85
C GLU A 70 41.97 -6.12 31.53
N LEU A 71 41.86 -6.51 30.27
CA LEU A 71 40.95 -7.58 29.88
C LEU A 71 41.36 -8.87 30.57
N SER A 72 42.63 -9.22 30.44
CA SER A 72 43.18 -10.46 30.99
C SER A 72 43.24 -10.47 32.51
N LYS A 73 43.07 -9.29 33.12
CA LYS A 73 43.20 -9.16 34.56
C LYS A 73 42.02 -9.74 35.34
N LEU A 74 41.05 -10.29 34.63
CA LEU A 74 39.85 -10.86 35.25
C LEU A 74 39.31 -12.00 34.38
N PRO A 75 38.70 -13.02 35.01
CA PRO A 75 38.20 -14.21 34.30
C PRO A 75 37.23 -13.92 33.16
N MET A 76 37.03 -14.91 32.30
CA MET A 76 36.16 -14.77 31.13
C MET A 76 35.17 -15.92 31.06
N GLY A 77 34.01 -15.68 30.45
CA GLY A 77 33.02 -16.73 30.27
C GLY A 77 32.65 -16.92 28.80
N GLN A 78 31.48 -17.50 28.57
CA GLN A 78 31.02 -17.75 27.21
C GLN A 78 30.51 -16.47 26.54
N THR A 79 30.49 -16.47 25.21
CA THR A 79 30.00 -15.34 24.44
C THR A 79 28.50 -15.16 24.69
N VAL A 80 28.07 -13.91 24.81
CA VAL A 80 26.67 -13.62 25.11
C VAL A 80 26.09 -12.66 24.08
N GLY A 81 24.77 -12.62 23.97
CA GLY A 81 24.09 -11.65 23.14
C GLY A 81 23.38 -12.20 21.92
N ILE A 82 22.94 -11.27 21.06
CA ILE A 82 22.20 -11.61 19.84
C ILE A 82 23.00 -11.25 18.59
N PRO A 83 23.40 -12.28 17.82
CA PRO A 83 24.15 -12.09 16.58
C PRO A 83 23.37 -11.31 15.52
N GLY A 84 22.08 -11.61 15.37
CA GLY A 84 21.26 -11.00 14.35
C GLY A 84 20.76 -9.61 14.71
N ALA A 85 21.19 -9.11 15.87
CA ALA A 85 20.80 -7.79 16.32
C ALA A 85 21.61 -6.73 15.59
N PRO A 86 21.04 -5.52 15.46
CA PRO A 86 21.84 -4.42 14.90
C PRO A 86 22.91 -4.05 15.91
N TYR A 87 24.01 -3.45 15.46
CA TYR A 87 25.09 -3.09 16.37
C TYR A 87 24.58 -2.15 17.45
N ALA A 88 23.79 -1.15 17.04
CA ALA A 88 23.15 -0.25 17.98
C ALA A 88 21.73 0.07 17.50
N THR A 89 21.05 0.99 18.18
CA THR A 89 19.70 1.37 17.77
C THR A 89 19.49 2.90 17.70
N PRO A 90 20.18 3.57 16.75
CA PRO A 90 19.98 5.01 16.59
C PRO A 90 18.67 5.34 15.86
N VAL A 91 18.15 6.55 16.08
CA VAL A 91 16.88 6.96 15.51
C VAL A 91 16.94 8.38 14.94
N SER A 92 16.42 8.56 13.72
CA SER A 92 16.33 9.87 13.10
C SER A 92 14.95 10.06 12.49
N ALA A 93 14.02 10.63 13.25
CA ALA A 93 12.62 10.70 12.81
C ALA A 93 11.94 12.05 13.09
N GLY A 94 10.72 12.20 12.56
CA GLY A 94 9.92 13.40 12.76
C GLY A 94 9.53 13.64 14.21
N SER A 95 8.75 14.69 14.53
CA SER A 95 8.00 15.61 13.65
C SER A 95 6.80 15.03 12.90
N THR A 96 7.03 14.14 11.94
CA THR A 96 5.95 13.50 11.21
C THR A 96 6.34 12.08 10.85
N SER A 97 5.38 11.16 10.96
CA SER A 97 5.60 9.76 10.59
C SER A 97 5.03 9.48 9.20
N ILE A 98 5.93 9.31 8.22
CA ILE A 98 5.50 9.07 6.85
C ILE A 98 6.09 7.77 6.29
N TRP A 99 5.22 6.92 5.77
CA TRP A 99 5.63 5.64 5.21
C TRP A 99 4.96 5.39 3.87
N THR A 100 5.77 5.19 2.84
CA THR A 100 5.25 5.03 1.50
C THR A 100 5.77 3.77 0.80
N LEU A 101 4.84 2.99 0.26
CA LEU A 101 5.17 1.80 -0.50
C LEU A 101 4.97 2.06 -1.99
N CYS A 102 5.96 1.70 -2.80
CA CYS A 102 5.90 1.93 -4.24
C CYS A 102 6.27 0.71 -5.08
N ASP A 103 5.61 0.59 -6.23
CA ASP A 103 5.89 -0.47 -7.19
C ASP A 103 6.35 0.12 -8.51
N THR A 104 7.55 -0.26 -8.94
CA THR A 104 8.10 0.21 -10.21
C THR A 104 8.32 -0.96 -11.18
N VAL A 105 7.69 -0.88 -12.35
CA VAL A 105 7.87 -1.90 -13.37
C VAL A 105 8.68 -1.39 -14.56
N ALA A 106 9.85 -1.99 -14.76
CA ALA A 106 10.67 -1.73 -15.94
C ALA A 106 10.31 -2.77 -16.99
N ARG A 107 10.71 -2.50 -18.24
CA ARG A 107 10.31 -3.34 -19.36
C ARG A 107 8.79 -3.46 -19.40
N ALA A 108 8.12 -2.37 -19.05
CA ALA A 108 6.67 -2.32 -19.02
C ALA A 108 6.10 -2.52 -20.42
N ASP A 109 6.91 -2.20 -21.41
CA ASP A 109 6.55 -2.44 -22.80
C ASP A 109 7.07 -3.80 -23.27
N SER A 110 6.71 -4.85 -22.52
CA SER A 110 7.11 -6.21 -22.87
C SER A 110 6.10 -7.27 -22.45
N THR A 111 6.59 -8.42 -21.97
CA THR A 111 5.75 -9.62 -21.93
C THR A 111 5.45 -10.34 -20.59
N SER A 112 6.39 -10.60 -19.67
CA SER A 112 7.76 -10.06 -19.50
C SER A 112 7.94 -8.62 -18.95
N PRO A 113 7.05 -8.14 -18.06
CA PRO A 113 7.49 -6.95 -17.33
C PRO A 113 7.93 -7.31 -15.91
N VAL A 114 8.91 -6.58 -15.39
CA VAL A 114 9.51 -6.87 -14.09
C VAL A 114 9.19 -5.78 -13.05
N VAL A 115 8.71 -6.19 -11.88
CA VAL A 115 8.28 -5.27 -10.84
C VAL A 115 9.34 -5.02 -9.77
N GLN A 116 9.53 -3.77 -9.40
CA GLN A 116 10.46 -3.39 -8.34
C GLN A 116 9.70 -2.69 -7.22
N THR A 117 9.80 -3.24 -6.01
CA THR A 117 9.07 -2.70 -4.88
C THR A 117 9.98 -1.87 -3.97
N ALA A 118 9.50 -0.70 -3.55
CA ALA A 118 10.30 0.18 -2.72
C ALA A 118 9.53 0.70 -1.50
N VAL A 119 10.16 0.58 -0.33
CA VAL A 119 9.60 1.12 0.91
C VAL A 119 10.31 2.41 1.31
N ILE A 120 9.56 3.50 1.39
CA ILE A 120 10.16 4.81 1.66
C ILE A 120 9.72 5.35 3.01
N ALA A 121 10.69 5.60 3.89
CA ALA A 121 10.43 6.20 5.19
C ALA A 121 11.24 7.47 5.38
N MET A 122 10.87 8.52 4.65
CA MET A 122 11.56 9.78 4.68
C MET A 122 10.63 10.82 4.08
N PRO A 123 10.97 12.12 4.15
CA PRO A 123 10.06 13.10 3.53
C PRO A 123 9.88 12.87 2.03
N LEU A 124 8.64 13.00 1.57
CA LEU A 124 8.32 12.77 0.16
C LEU A 124 8.31 14.08 -0.64
N GLU A 125 8.81 14.01 -1.87
CA GLU A 125 8.78 15.15 -2.77
C GLU A 125 7.79 14.92 -3.91
N ILE A 126 6.52 15.19 -3.63
CA ILE A 126 5.44 15.00 -4.58
C ILE A 126 5.30 16.20 -5.54
N ASP A 127 5.15 15.91 -6.83
CA ASP A 127 4.92 16.95 -7.82
C ASP A 127 3.95 16.47 -8.91
N ALA A 128 3.85 17.23 -9.98
CA ALA A 128 2.96 16.89 -11.09
C ALA A 128 3.34 15.60 -11.79
N SER A 129 4.62 15.23 -11.68
CA SER A 129 5.11 14.04 -12.36
C SER A 129 4.99 12.82 -11.46
N ILE A 130 4.51 13.05 -10.23
CA ILE A 130 4.24 11.96 -9.29
C ILE A 130 3.33 12.45 -8.15
N ASP A 131 2.03 12.27 -8.33
CA ASP A 131 1.03 12.78 -7.39
C ASP A 131 -0.13 11.80 -7.25
N PRO A 132 -1.09 12.06 -6.33
CA PRO A 132 -2.23 11.13 -6.23
C PRO A 132 -3.04 11.00 -7.51
N LEU A 133 -3.62 9.83 -7.72
CA LEU A 133 -4.50 9.59 -8.85
C LEU A 133 -5.66 10.58 -8.84
N GLN A 134 -5.91 11.20 -9.98
CA GLN A 134 -7.10 12.03 -10.15
C GLN A 134 -8.33 11.13 -10.11
N SER A 135 -9.50 11.74 -9.98
CA SER A 135 -10.75 10.98 -9.94
C SER A 135 -10.99 10.22 -11.24
N HIS A 136 -10.52 10.77 -12.35
CA HIS A 136 -10.76 10.18 -13.66
C HIS A 136 -9.61 9.29 -14.13
N GLU A 137 -8.65 9.03 -13.26
CA GLU A 137 -7.49 8.23 -13.61
C GLU A 137 -7.54 6.84 -12.97
N ALA A 138 -6.94 5.85 -13.63
CA ALA A 138 -6.91 4.49 -13.11
C ALA A 138 -5.79 3.65 -13.72
N VAL A 139 -5.30 2.68 -12.95
CA VAL A 139 -4.22 1.83 -13.39
C VAL A 139 -4.66 0.37 -13.45
N LEU A 140 -4.48 -0.24 -14.62
CA LEU A 140 -4.80 -1.64 -14.82
C LEU A 140 -3.71 -2.50 -14.23
N VAL A 141 -4.09 -3.42 -13.35
CA VAL A 141 -3.13 -4.21 -12.60
C VAL A 141 -3.57 -5.69 -12.53
N SER A 142 -2.60 -6.59 -12.66
CA SER A 142 -2.85 -8.03 -12.59
C SER A 142 -2.17 -8.67 -11.37
N TYR A 143 -2.89 -9.50 -10.63
CA TYR A 143 -2.33 -10.19 -9.47
C TYR A 143 -2.89 -11.60 -9.34
N GLN A 144 -2.02 -12.59 -9.47
CA GLN A 144 -2.39 -14.00 -9.35
C GLN A 144 -3.41 -14.40 -10.40
N GLY A 145 -3.16 -14.02 -11.65
CA GLY A 145 -4.01 -14.42 -12.75
C GLY A 145 -5.17 -13.48 -13.04
N GLU A 146 -5.75 -12.92 -11.99
CA GLU A 146 -6.87 -11.99 -12.12
C GLU A 146 -6.38 -10.56 -12.27
N THR A 147 -7.25 -9.69 -12.78
CA THR A 147 -6.90 -8.29 -12.99
C THR A 147 -7.65 -7.38 -12.00
N TRP A 148 -7.00 -6.29 -11.61
CA TRP A 148 -7.60 -5.31 -10.72
C TRP A 148 -7.41 -3.92 -11.29
N ILE A 149 -8.40 -3.05 -11.07
CA ILE A 149 -8.28 -1.66 -11.47
C ILE A 149 -8.16 -0.76 -10.25
N VAL A 150 -7.13 0.07 -10.24
CA VAL A 150 -6.81 0.89 -9.08
C VAL A 150 -7.28 2.32 -9.27
N THR A 151 -8.04 2.82 -8.31
CA THR A 151 -8.50 4.20 -8.33
C THR A 151 -7.84 4.98 -7.20
N THR A 152 -8.32 6.20 -6.97
CA THR A 152 -7.79 7.06 -5.93
C THR A 152 -7.94 6.43 -4.55
N LYS A 153 -9.09 5.78 -4.33
CA LYS A 153 -9.34 5.11 -3.06
C LYS A 153 -8.52 3.83 -2.91
N GLY A 154 -8.75 2.87 -3.80
CA GLY A 154 -8.05 1.60 -3.74
C GLY A 154 -8.21 0.78 -5.01
N ARG A 155 -8.45 -0.52 -4.86
CA ARG A 155 -8.57 -1.41 -6.02
C ARG A 155 -9.98 -1.99 -6.19
N HIS A 156 -10.35 -2.21 -7.45
CA HIS A 156 -11.63 -2.83 -7.78
C HIS A 156 -11.42 -4.08 -8.61
N ALA A 157 -12.19 -5.13 -8.33
CA ALA A 157 -12.14 -6.34 -9.13
C ALA A 157 -12.81 -6.07 -10.47
N ILE A 158 -12.10 -6.37 -11.56
CA ILE A 158 -12.61 -6.08 -12.88
C ILE A 158 -12.37 -7.22 -13.88
N ASP A 159 -13.42 -7.57 -14.63
CA ASP A 159 -13.32 -8.67 -15.58
C ASP A 159 -12.56 -8.26 -16.85
N LEU A 160 -11.33 -8.72 -16.94
CA LEU A 160 -10.43 -8.43 -18.05
C LEU A 160 -11.03 -8.73 -19.41
N THR A 161 -11.66 -9.90 -19.53
CA THR A 161 -12.18 -10.38 -20.80
C THR A 161 -13.49 -9.71 -21.19
N ASP A 162 -14.16 -9.09 -20.23
CA ASP A 162 -15.44 -8.43 -20.49
C ASP A 162 -15.26 -7.23 -21.42
N ARG A 163 -15.29 -7.49 -22.72
CA ARG A 163 -15.06 -6.47 -23.73
C ARG A 163 -16.24 -5.51 -23.86
N ALA A 164 -17.41 -5.95 -23.42
CA ALA A 164 -18.60 -5.10 -23.42
C ALA A 164 -18.51 -4.08 -22.30
N LEU A 165 -17.81 -4.46 -21.22
CA LEU A 165 -17.58 -3.57 -20.09
C LEU A 165 -16.46 -2.61 -20.42
N THR A 166 -15.30 -3.17 -20.79
CA THR A 166 -14.08 -2.40 -20.98
C THR A 166 -14.20 -1.36 -22.10
N SER A 167 -14.85 -1.72 -23.19
CA SER A 167 -15.00 -0.81 -24.32
C SER A 167 -16.04 0.25 -24.00
N SER A 168 -16.87 -0.02 -23.00
CA SER A 168 -17.89 0.94 -22.58
C SER A 168 -17.29 2.08 -21.77
N MET A 169 -16.28 1.78 -20.96
CA MET A 169 -15.54 2.81 -20.24
C MET A 169 -14.38 3.35 -21.06
N GLY A 170 -14.26 2.85 -22.29
CA GLY A 170 -13.24 3.32 -23.21
C GLY A 170 -11.84 2.83 -22.90
N ILE A 171 -11.74 1.62 -22.35
CA ILE A 171 -10.44 1.00 -22.12
C ILE A 171 -9.87 0.49 -23.44
N PRO A 172 -8.67 0.97 -23.81
CA PRO A 172 -8.02 0.57 -25.05
C PRO A 172 -7.74 -0.93 -25.08
N VAL A 173 -7.90 -1.54 -26.24
CA VAL A 173 -7.58 -2.95 -26.41
C VAL A 173 -6.07 -3.16 -26.35
N THR A 174 -5.33 -2.07 -26.50
CA THR A 174 -3.87 -2.09 -26.44
C THR A 174 -3.41 -2.05 -24.99
N ALA A 175 -4.30 -1.61 -24.11
CA ALA A 175 -3.98 -1.46 -22.69
C ALA A 175 -3.73 -2.80 -22.03
N ARG A 176 -2.52 -2.99 -21.53
CA ARG A 176 -2.14 -4.22 -20.85
C ARG A 176 -2.11 -3.98 -19.35
N PRO A 177 -2.70 -4.89 -18.56
CA PRO A 177 -2.55 -4.80 -17.12
C PRO A 177 -1.11 -5.18 -16.74
N THR A 178 -0.55 -4.50 -15.75
CA THR A 178 0.81 -4.76 -15.33
C THR A 178 0.84 -5.34 -13.92
N PRO A 179 1.70 -6.35 -13.70
CA PRO A 179 1.82 -7.07 -12.42
C PRO A 179 2.06 -6.16 -11.23
N ILE A 180 1.36 -6.44 -10.15
CA ILE A 180 1.53 -5.71 -8.90
C ILE A 180 2.16 -6.66 -7.89
N SER A 181 2.76 -6.10 -6.85
CA SER A 181 3.40 -6.92 -5.83
C SER A 181 2.39 -7.35 -4.78
N GLU A 182 2.76 -8.36 -3.99
CA GLU A 182 1.94 -8.78 -2.88
C GLU A 182 1.81 -7.64 -1.87
N GLY A 183 2.89 -6.92 -1.67
CA GLY A 183 2.92 -5.79 -0.76
C GLY A 183 1.95 -4.69 -1.16
N MET A 184 2.00 -4.30 -2.43
CA MET A 184 1.13 -3.24 -2.93
C MET A 184 -0.33 -3.70 -3.02
N PHE A 185 -0.53 -4.98 -3.33
CA PHE A 185 -1.87 -5.53 -3.38
C PHE A 185 -2.50 -5.53 -1.99
N ASN A 186 -1.75 -6.01 -0.99
CA ASN A 186 -2.23 -5.97 0.39
C ASN A 186 -2.39 -4.55 0.92
N ALA A 187 -1.54 -3.64 0.44
CA ALA A 187 -1.60 -2.25 0.86
C ALA A 187 -2.86 -1.55 0.34
N LEU A 188 -3.20 -1.83 -0.92
CA LEU A 188 -4.36 -1.20 -1.54
C LEU A 188 -5.65 -1.82 -1.01
N PRO A 189 -6.49 -0.99 -0.37
CA PRO A 189 -7.76 -1.45 0.17
C PRO A 189 -8.75 -1.82 -0.94
N ASP A 190 -9.46 -2.93 -0.75
CA ASP A 190 -10.44 -3.38 -1.73
C ASP A 190 -11.68 -2.49 -1.64
N MET A 191 -12.19 -2.05 -2.78
CA MET A 191 -13.33 -1.15 -2.80
C MET A 191 -14.57 -1.79 -3.45
N GLY A 192 -14.46 -3.06 -3.81
CA GLY A 192 -15.57 -3.76 -4.43
C GLY A 192 -15.41 -4.01 -5.91
N PRO A 193 -16.23 -4.92 -6.48
CA PRO A 193 -16.15 -5.31 -7.88
C PRO A 193 -16.49 -4.18 -8.86
N TRP A 194 -16.47 -4.49 -10.16
CA TRP A 194 -16.47 -3.46 -11.20
C TRP A 194 -16.41 -4.06 -12.62
N GLN A 195 -17.41 -4.75 -13.18
CA GLN A 195 -18.68 -5.29 -12.62
C GLN A 195 -19.94 -4.41 -12.49
N LEU A 196 -20.98 -4.86 -13.18
CA LEU A 196 -22.32 -4.29 -13.13
C LEU A 196 -23.19 -5.08 -12.17
N PRO A 197 -24.07 -4.39 -11.43
CA PRO A 197 -25.07 -5.07 -10.60
C PRO A 197 -26.07 -5.82 -11.50
N PRO A 198 -26.43 -7.06 -11.11
CA PRO A 198 -27.27 -7.95 -11.93
C PRO A 198 -28.71 -7.49 -12.05
N ILE A 199 -29.37 -7.86 -13.14
CA ILE A 199 -30.79 -7.59 -13.31
C ILE A 199 -31.53 -8.90 -13.57
N PRO A 200 -32.38 -9.32 -12.62
CA PRO A 200 -33.04 -10.62 -12.56
C PRO A 200 -33.75 -11.05 -13.85
N ALA A 201 -34.95 -10.53 -14.07
CA ALA A 201 -35.76 -10.94 -15.22
C ALA A 201 -35.40 -10.18 -16.49
N ALA A 202 -34.10 -10.01 -16.72
CA ALA A 202 -33.61 -9.30 -17.90
C ALA A 202 -34.06 -10.00 -19.18
N GLY A 203 -34.95 -9.33 -19.93
CA GLY A 203 -35.48 -9.88 -21.16
C GLY A 203 -36.98 -10.07 -21.08
N ALA A 204 -37.47 -10.32 -19.87
CA ALA A 204 -38.89 -10.49 -19.62
C ALA A 204 -39.62 -9.15 -19.79
N PRO A 205 -40.91 -9.20 -20.16
CA PRO A 205 -41.71 -7.97 -20.29
C PRO A 205 -41.78 -7.17 -19.01
N ASN A 206 -41.90 -5.85 -19.12
CA ASN A 206 -41.96 -4.98 -17.95
C ASN A 206 -43.37 -4.91 -17.37
N SER A 207 -43.45 -4.80 -16.05
CA SER A 207 -44.74 -4.65 -15.38
C SER A 207 -44.95 -3.22 -14.94
N LEU A 208 -44.68 -2.28 -15.86
CA LEU A 208 -44.72 -0.86 -15.54
C LEU A 208 -45.66 -0.07 -16.43
N GLY A 209 -46.19 -0.73 -17.46
CA GLY A 209 -47.08 -0.07 -18.40
C GLY A 209 -46.33 0.55 -19.56
N LEU A 210 -45.00 0.48 -19.50
CA LEU A 210 -44.15 0.93 -20.59
C LEU A 210 -44.38 0.06 -21.82
N PRO A 211 -44.09 0.59 -23.02
CA PRO A 211 -44.23 -0.17 -24.27
C PRO A 211 -43.49 -1.51 -24.23
N ASP A 212 -43.89 -2.43 -25.11
CA ASP A 212 -43.31 -3.78 -25.16
C ASP A 212 -41.83 -3.75 -25.48
N ASP A 213 -41.38 -2.70 -26.17
CA ASP A 213 -39.99 -2.53 -26.51
C ASP A 213 -39.09 -2.56 -25.28
N LEU A 214 -39.54 -1.88 -24.22
CA LEU A 214 -38.73 -1.71 -23.03
C LEU A 214 -38.92 -2.85 -22.02
N VAL A 215 -38.40 -4.03 -22.36
CA VAL A 215 -38.35 -5.14 -21.41
C VAL A 215 -37.39 -4.75 -20.30
N ILE A 216 -37.42 -5.46 -19.19
CA ILE A 216 -36.51 -5.13 -18.09
C ILE A 216 -35.08 -5.44 -18.51
N GLY A 217 -34.16 -4.55 -18.17
CA GLY A 217 -32.77 -4.66 -18.60
C GLY A 217 -32.50 -3.76 -19.78
N SER A 218 -33.55 -3.29 -20.45
CA SER A 218 -33.40 -2.41 -21.59
C SER A 218 -33.14 -0.98 -21.14
N VAL A 219 -32.63 -0.16 -22.05
CA VAL A 219 -32.33 1.23 -21.76
C VAL A 219 -33.11 2.18 -22.66
N PHE A 220 -33.72 3.19 -22.07
CA PHE A 220 -34.33 4.27 -22.84
C PHE A 220 -33.78 5.60 -22.34
N GLN A 221 -34.10 6.67 -23.05
CA GLN A 221 -33.61 7.98 -22.65
C GLN A 221 -34.68 9.07 -22.72
N ILE A 222 -34.52 10.07 -21.87
CA ILE A 222 -35.39 11.22 -21.85
C ILE A 222 -34.55 12.49 -21.90
N HIS A 223 -34.89 13.41 -22.79
CA HIS A 223 -34.11 14.63 -22.92
C HIS A 223 -34.51 15.67 -21.89
N THR A 224 -33.51 16.18 -21.17
CA THR A 224 -33.72 17.11 -20.07
C THR A 224 -33.01 18.42 -20.28
N ASP A 225 -32.77 19.13 -19.18
CA ASP A 225 -32.08 20.41 -19.21
C ASP A 225 -30.63 20.24 -19.64
N LYS A 226 -30.09 19.06 -19.39
CA LYS A 226 -28.67 18.77 -19.64
C LYS A 226 -28.54 17.78 -20.81
N GLY A 227 -29.63 17.61 -21.54
CA GLY A 227 -29.64 16.65 -22.64
C GLY A 227 -30.17 15.30 -22.19
N PRO A 228 -29.71 14.22 -22.81
CA PRO A 228 -30.19 12.87 -22.50
C PRO A 228 -29.86 12.40 -21.08
N GLN A 229 -30.88 11.93 -20.37
CA GLN A 229 -30.69 11.20 -19.12
C GLN A 229 -31.13 9.76 -19.39
N TYR A 230 -30.27 8.81 -19.05
CA TYR A 230 -30.54 7.41 -19.39
C TYR A 230 -31.18 6.63 -18.26
N TYR A 231 -32.08 5.72 -18.61
CA TYR A 231 -32.78 4.91 -17.63
C TYR A 231 -32.76 3.43 -18.02
N VAL A 232 -32.42 2.58 -17.05
CA VAL A 232 -32.55 1.14 -17.21
C VAL A 232 -33.88 0.67 -16.61
N VAL A 233 -34.54 -0.26 -17.30
CA VAL A 233 -35.82 -0.77 -16.80
C VAL A 233 -35.61 -1.88 -15.77
N LEU A 234 -36.19 -1.71 -14.60
CA LEU A 234 -36.01 -2.64 -13.48
C LEU A 234 -37.32 -3.36 -13.16
N PRO A 235 -37.24 -4.48 -12.39
CA PRO A 235 -38.45 -5.22 -12.02
C PRO A 235 -39.47 -4.38 -11.24
N ASP A 236 -39.00 -3.38 -10.52
CA ASP A 236 -39.87 -2.55 -9.70
C ASP A 236 -39.85 -1.05 -10.07
N GLY A 237 -39.51 -0.74 -11.32
CA GLY A 237 -39.47 0.64 -11.76
C GLY A 237 -38.35 0.97 -12.72
N ILE A 238 -38.03 2.25 -12.82
CA ILE A 238 -36.93 2.70 -13.68
C ILE A 238 -35.85 3.35 -12.81
N ALA A 239 -34.68 3.57 -13.39
CA ALA A 239 -33.56 4.09 -12.61
C ALA A 239 -32.59 4.91 -13.47
N GLN A 240 -32.25 6.10 -13.00
CA GLN A 240 -31.28 6.95 -13.69
C GLN A 240 -29.92 6.29 -13.75
N VAL A 241 -29.37 6.19 -14.96
CA VAL A 241 -28.02 5.66 -15.13
C VAL A 241 -27.14 6.61 -15.92
N ASN A 242 -25.87 6.67 -15.54
CA ASN A 242 -24.89 7.46 -16.27
C ASN A 242 -24.61 6.85 -17.64
N ALA A 243 -24.03 7.66 -18.54
CA ALA A 243 -23.76 7.24 -19.91
C ALA A 243 -22.86 6.01 -19.98
N THR A 244 -21.89 5.95 -19.06
CA THR A 244 -20.97 4.82 -19.00
C THR A 244 -21.71 3.54 -18.62
N THR A 245 -22.61 3.64 -17.65
CA THR A 245 -23.43 2.51 -17.26
C THR A 245 -24.42 2.15 -18.36
N ALA A 246 -25.03 3.18 -18.96
CA ALA A 246 -25.99 3.00 -20.05
C ALA A 246 -25.38 2.30 -21.26
N ALA A 247 -24.19 2.75 -21.65
CA ALA A 247 -23.48 2.14 -22.76
C ALA A 247 -23.03 0.73 -22.44
N ALA A 248 -22.85 0.44 -21.17
CA ALA A 248 -22.42 -0.89 -20.74
C ALA A 248 -23.55 -1.91 -20.84
N LEU A 249 -24.70 -1.55 -20.30
CA LEU A 249 -25.88 -2.41 -20.31
C LEU A 249 -26.25 -2.85 -21.72
N ARG A 250 -26.18 -1.92 -22.65
CA ARG A 250 -26.50 -2.19 -24.05
C ARG A 250 -25.44 -3.07 -24.70
N ALA A 251 -24.18 -2.86 -24.31
CA ALA A 251 -23.06 -3.60 -24.86
C ALA A 251 -23.11 -5.09 -24.50
N THR A 252 -23.62 -5.40 -23.31
CA THR A 252 -23.72 -6.78 -22.86
C THR A 252 -25.04 -7.39 -23.33
N GLN A 253 -26.04 -6.53 -23.52
CA GLN A 253 -27.36 -6.98 -23.93
C GLN A 253 -28.19 -5.79 -24.40
N ALA A 254 -28.36 -5.66 -25.71
CA ALA A 254 -29.07 -4.52 -26.30
C ALA A 254 -30.58 -4.75 -26.40
N HIS A 255 -30.99 -6.01 -26.28
CA HIS A 255 -32.39 -6.40 -26.36
C HIS A 255 -33.04 -5.99 -27.69
N GLY A 256 -32.26 -6.03 -28.76
CA GLY A 256 -32.77 -5.71 -30.08
C GLY A 256 -32.95 -4.22 -30.30
N LEU A 257 -32.41 -3.40 -29.40
CA LEU A 257 -32.51 -1.96 -29.53
C LEU A 257 -31.24 -1.36 -30.12
N VAL A 258 -31.35 -0.82 -31.33
CA VAL A 258 -30.22 -0.16 -31.99
C VAL A 258 -29.69 1.00 -31.16
N ALA A 259 -30.61 1.81 -30.63
CA ALA A 259 -30.26 2.92 -29.78
C ALA A 259 -31.37 3.08 -28.74
N PRO A 260 -31.05 3.62 -27.55
CA PRO A 260 -32.07 3.83 -26.52
C PRO A 260 -33.19 4.72 -27.03
N PRO A 261 -34.39 4.16 -27.21
CA PRO A 261 -35.53 4.85 -27.80
C PRO A 261 -35.94 6.08 -27.00
N ALA A 262 -36.21 7.17 -27.70
CA ALA A 262 -36.61 8.42 -27.07
C ALA A 262 -38.02 8.32 -26.51
N MET A 263 -38.16 8.65 -25.24
CA MET A 263 -39.47 8.63 -24.59
C MET A 263 -39.87 10.04 -24.18
N VAL A 264 -41.11 10.41 -24.48
CA VAL A 264 -41.63 11.72 -24.06
C VAL A 264 -41.67 11.77 -22.54
N PRO A 265 -41.21 12.88 -21.96
CA PRO A 265 -41.01 13.02 -20.50
C PRO A 265 -42.24 12.76 -19.65
N SER A 266 -43.41 13.14 -20.13
CA SER A 266 -44.63 13.03 -19.35
C SER A 266 -45.07 11.58 -19.16
N LEU A 267 -44.55 10.70 -20.01
CA LEU A 267 -44.96 9.30 -20.02
C LEU A 267 -44.36 8.49 -18.87
N VAL A 268 -43.41 9.07 -18.15
CA VAL A 268 -42.67 8.33 -17.14
C VAL A 268 -42.73 8.97 -15.75
N VAL A 269 -43.42 10.10 -15.64
CA VAL A 269 -43.44 10.85 -14.38
C VAL A 269 -44.12 10.07 -13.25
N ARG A 270 -45.00 9.14 -13.63
CA ARG A 270 -45.70 8.33 -12.64
C ARG A 270 -45.24 6.89 -12.63
N ILE A 271 -44.02 6.66 -13.07
CA ILE A 271 -43.38 5.35 -12.94
C ILE A 271 -42.36 5.44 -11.80
N ALA A 272 -42.44 4.51 -10.85
CA ALA A 272 -41.60 4.54 -9.66
C ALA A 272 -40.11 4.55 -10.00
N GLU A 273 -39.41 5.59 -9.56
CA GLU A 273 -37.96 5.69 -9.78
C GLU A 273 -37.20 4.87 -8.74
N ARG A 274 -36.37 3.96 -9.23
CA ARG A 274 -35.58 3.10 -8.36
C ARG A 274 -34.11 3.45 -8.40
N VAL A 275 -33.31 2.66 -7.70
CA VAL A 275 -31.87 2.89 -7.66
C VAL A 275 -31.09 1.71 -8.20
N TYR A 276 -30.34 1.94 -9.27
CA TYR A 276 -29.47 0.93 -9.85
C TYR A 276 -28.02 1.26 -9.49
N PRO A 277 -27.44 0.49 -8.55
CA PRO A 277 -26.14 0.79 -7.95
C PRO A 277 -24.96 0.36 -8.80
N SER A 278 -24.74 1.04 -9.92
CA SER A 278 -23.57 0.76 -10.77
C SER A 278 -22.34 1.50 -10.26
N PRO A 279 -21.19 0.82 -10.25
CA PRO A 279 -19.92 1.42 -9.82
C PRO A 279 -19.28 2.24 -10.93
N LEU A 280 -19.74 2.02 -12.16
CA LEU A 280 -19.20 2.72 -13.34
C LEU A 280 -19.33 4.23 -13.20
N PRO A 281 -18.20 4.95 -13.30
CA PRO A 281 -18.14 6.41 -13.10
C PRO A 281 -18.83 7.18 -14.21
N ASP A 282 -19.28 8.40 -13.90
CA ASP A 282 -19.87 9.29 -14.89
C ASP A 282 -18.80 9.68 -15.92
N GLU A 283 -17.58 9.85 -15.44
CA GLU A 283 -16.48 10.30 -16.28
C GLU A 283 -15.92 9.17 -17.14
N PRO A 284 -15.40 9.51 -18.33
CA PRO A 284 -14.56 8.56 -19.07
C PRO A 284 -13.25 8.40 -18.32
N LEU A 285 -12.72 7.18 -18.25
CA LEU A 285 -11.56 6.93 -17.41
C LEU A 285 -10.23 6.89 -18.19
N LYS A 286 -9.33 7.81 -17.85
CA LYS A 286 -7.98 7.78 -18.39
C LYS A 286 -7.22 6.63 -17.75
N ILE A 287 -6.83 5.66 -18.57
CA ILE A 287 -6.05 4.54 -18.08
C ILE A 287 -4.57 4.84 -18.27
N VAL A 288 -3.87 5.07 -17.16
CA VAL A 288 -2.49 5.55 -17.20
C VAL A 288 -1.57 4.57 -17.94
N SER A 289 -0.61 5.12 -18.67
CA SER A 289 0.35 4.32 -19.39
C SER A 289 1.54 4.02 -18.51
N ARG A 290 1.72 2.73 -18.20
CA ARG A 290 2.81 2.29 -17.34
C ARG A 290 4.22 2.66 -17.85
N PRO A 291 4.46 2.60 -19.17
CA PRO A 291 5.73 3.13 -19.66
C PRO A 291 5.94 4.60 -19.31
N GLN A 292 4.88 5.41 -19.43
CA GLN A 292 4.96 6.82 -19.10
C GLN A 292 5.05 7.03 -17.59
N ASP A 293 4.18 6.35 -16.85
CA ASP A 293 4.17 6.45 -15.39
C ASP A 293 4.36 5.08 -14.75
N PRO A 294 5.63 4.68 -14.55
CA PRO A 294 5.99 3.35 -14.04
C PRO A 294 5.75 3.21 -12.54
N ALA A 295 5.54 4.32 -11.84
CA ALA A 295 5.42 4.31 -10.39
C ALA A 295 3.96 4.23 -9.89
N LEU A 296 3.67 3.20 -9.10
CA LEU A 296 2.39 3.09 -8.41
C LEU A 296 2.67 3.01 -6.92
N CYS A 297 2.13 3.94 -6.14
CA CYS A 297 2.46 4.02 -4.72
C CYS A 297 1.27 4.11 -3.79
N TRP A 298 1.41 3.54 -2.59
CA TRP A 298 0.47 3.75 -1.51
C TRP A 298 1.17 4.50 -0.36
N SER A 299 0.85 5.79 -0.21
CA SER A 299 1.49 6.64 0.79
C SER A 299 0.69 6.76 2.08
N TRP A 300 1.41 6.86 3.20
CA TRP A 300 0.81 6.94 4.52
C TRP A 300 1.55 7.95 5.38
N GLN A 301 0.80 8.80 6.08
CA GLN A 301 1.39 9.88 6.86
C GLN A 301 0.49 10.31 8.02
N ARG A 302 1.07 10.46 9.21
CA ARG A 302 0.37 11.05 10.34
C ARG A 302 1.20 12.17 10.96
N SER A 303 0.53 13.30 11.23
CA SER A 303 1.20 14.52 11.69
C SER A 303 1.71 14.45 13.12
N ALA A 304 1.49 13.31 13.75
CA ALA A 304 1.86 13.09 15.16
C ALA A 304 1.10 14.01 16.10
N GLY A 305 -0.01 14.57 15.63
CA GLY A 305 -0.84 15.44 16.44
C GLY A 305 -2.30 15.05 16.37
N ASP A 306 -2.70 14.15 17.26
CA ASP A 306 -4.08 13.66 17.33
C ASP A 306 -4.58 13.07 16.02
N GLN A 307 -5.83 13.34 15.71
CA GLN A 307 -6.52 12.91 14.48
C GLN A 307 -6.25 11.47 14.02
N SER A 308 -6.53 11.22 12.74
CA SER A 308 -6.31 9.92 12.13
C SER A 308 -5.29 10.09 11.00
N PRO A 309 -4.66 8.99 10.55
CA PRO A 309 -3.70 9.14 9.47
C PRO A 309 -4.39 9.43 8.13
N GLN A 310 -3.60 9.85 7.14
CA GLN A 310 -4.13 10.09 5.81
C GLN A 310 -3.33 9.28 4.78
N SER A 311 -4.06 8.56 3.92
CA SER A 311 -3.45 7.71 2.91
C SER A 311 -4.05 7.95 1.53
N THR A 312 -3.25 7.74 0.50
CA THR A 312 -3.71 7.91 -0.88
C THR A 312 -2.84 7.14 -1.85
N VAL A 313 -3.35 6.93 -3.05
CA VAL A 313 -2.63 6.20 -4.09
C VAL A 313 -1.90 7.17 -5.01
N LEU A 314 -0.59 6.98 -5.17
CA LEU A 314 0.22 7.83 -6.03
C LEU A 314 0.49 7.17 -7.38
N SER A 315 0.68 7.99 -8.39
CA SER A 315 1.01 7.52 -9.73
C SER A 315 1.88 8.55 -10.45
N GLY A 316 2.97 8.09 -11.08
CA GLY A 316 3.82 9.02 -11.80
C GLY A 316 5.09 8.44 -12.40
N ARG A 317 5.99 9.32 -12.82
CA ARG A 317 7.20 8.93 -13.52
C ARG A 317 8.23 8.21 -12.64
N HIS A 318 8.30 8.57 -11.37
CA HIS A 318 9.33 8.02 -10.50
C HIS A 318 8.91 8.04 -9.04
N LEU A 319 9.79 7.55 -8.17
CA LEU A 319 9.55 7.58 -6.73
C LEU A 319 9.43 9.04 -6.27
N PRO A 320 8.56 9.29 -5.28
CA PRO A 320 8.34 10.65 -4.79
C PRO A 320 9.44 11.12 -3.83
N ILE A 321 10.69 11.04 -4.27
CA ILE A 321 11.82 11.51 -3.48
C ILE A 321 12.79 12.30 -4.34
N SER A 322 13.72 12.99 -3.70
CA SER A 322 14.77 13.73 -4.40
C SER A 322 15.66 12.74 -5.18
N PRO A 323 16.25 13.19 -6.29
CA PRO A 323 17.10 12.36 -7.14
C PRO A 323 18.29 11.75 -6.40
N SER A 324 18.90 12.52 -5.50
CA SER A 324 20.06 12.05 -4.74
C SER A 324 19.66 11.07 -3.63
N ALA A 325 18.37 11.04 -3.29
CA ALA A 325 17.90 10.12 -2.25
C ALA A 325 17.90 8.69 -2.76
N MET A 326 18.04 8.53 -4.07
CA MET A 326 18.08 7.22 -4.70
C MET A 326 19.33 6.44 -4.30
N ASN A 327 20.34 7.17 -3.82
CA ASN A 327 21.59 6.58 -3.39
C ASN A 327 21.47 5.89 -2.04
N MET A 328 20.32 6.08 -1.37
CA MET A 328 20.10 5.53 -0.04
C MET A 328 19.35 4.21 -0.05
N GLY A 329 19.00 3.73 -1.25
CA GLY A 329 18.27 2.48 -1.39
C GLY A 329 19.10 1.27 -1.05
N ILE A 330 18.64 0.47 -0.08
CA ILE A 330 19.32 -0.76 0.28
C ILE A 330 18.43 -1.96 0.02
N LYS A 331 18.89 -2.87 -0.82
CA LYS A 331 18.16 -4.11 -1.08
C LYS A 331 18.46 -5.14 -0.01
N GLN A 332 17.41 -5.63 0.64
CA GLN A 332 17.52 -6.49 1.82
C GLN A 332 18.13 -7.87 1.52
N ILE A 333 18.56 -8.55 2.58
CA ILE A 333 19.16 -9.89 2.46
C ILE A 333 18.28 -10.85 1.66
N HIS A 334 17.09 -11.14 2.19
CA HIS A 334 16.04 -11.77 1.38
C HIS A 334 14.65 -11.24 1.75
N GLY A 335 14.42 -9.98 1.37
CA GLY A 335 13.14 -9.34 1.52
C GLY A 335 12.60 -9.01 0.14
N THR A 336 11.44 -8.36 0.09
CA THR A 336 10.78 -8.10 -1.20
C THR A 336 10.94 -6.65 -1.66
N ALA A 337 11.49 -5.80 -0.81
CA ALA A 337 11.55 -4.38 -1.12
C ALA A 337 12.94 -3.75 -0.96
N THR A 338 13.17 -2.68 -1.74
CA THR A 338 14.33 -1.82 -1.55
C THR A 338 13.91 -0.68 -0.65
N VAL A 339 14.61 -0.53 0.48
CA VAL A 339 14.21 0.45 1.49
C VAL A 339 14.98 1.76 1.37
N TYR A 340 14.30 2.85 1.70
CA TYR A 340 14.89 4.20 1.66
C TYR A 340 14.67 4.92 2.97
N LEU A 341 15.72 4.98 3.79
CA LEU A 341 15.63 5.63 5.09
C LEU A 341 16.63 6.78 5.21
N ASP A 342 16.24 7.82 5.93
CA ASP A 342 17.15 8.90 6.24
C ASP A 342 17.67 8.71 7.68
N GLY A 343 17.64 7.47 8.14
CA GLY A 343 18.06 7.14 9.49
C GLY A 343 17.25 6.00 10.08
N GLY A 344 17.66 5.54 11.26
CA GLY A 344 16.95 4.49 11.95
C GLY A 344 15.64 5.00 12.48
N LYS A 345 14.67 4.10 12.69
CA LYS A 345 13.34 4.49 13.12
C LYS A 345 12.86 3.60 14.27
N PHE A 346 11.93 4.13 15.06
CA PHE A 346 11.29 3.35 16.13
C PHE A 346 9.78 3.56 16.07
N VAL A 347 9.04 2.49 15.80
CA VAL A 347 7.63 2.61 15.47
C VAL A 347 6.68 1.73 16.29
N ALA A 348 5.39 2.06 16.24
CA ALA A 348 4.36 1.25 16.89
C ALA A 348 3.30 0.84 15.87
N LEU A 349 3.14 -0.48 15.72
CA LEU A 349 2.22 -1.03 14.72
C LEU A 349 0.92 -1.51 15.36
N GLN A 350 0.08 -2.17 14.56
CA GLN A 350 -1.15 -2.76 15.07
C GLN A 350 -0.88 -4.11 15.72
N GLU A 358 -1.01 -3.37 20.05
CA GLU A 358 0.02 -2.47 19.53
C GLU A 358 1.41 -3.05 19.75
N SER A 359 2.06 -3.41 18.65
CA SER A 359 3.39 -4.02 18.69
C SER A 359 4.46 -3.01 18.30
N MET A 360 5.63 -3.11 18.91
CA MET A 360 6.71 -2.15 18.67
C MET A 360 7.91 -2.77 17.96
N TYR A 361 8.42 -2.04 16.97
CA TYR A 361 9.58 -2.50 16.22
C TYR A 361 10.60 -1.38 16.08
N TYR A 362 11.88 -1.72 16.23
CA TYR A 362 12.94 -0.79 15.89
C TYR A 362 13.40 -1.07 14.46
N ILE A 363 13.63 -0.01 13.70
CA ILE A 363 14.15 -0.16 12.34
C ILE A 363 15.56 0.40 12.26
N ASP A 364 16.51 -0.42 11.81
CA ASP A 364 17.90 0.01 11.73
C ASP A 364 18.19 0.69 10.38
N PRO A 365 19.32 1.42 10.26
CA PRO A 365 19.64 2.11 9.00
C PRO A 365 19.63 1.25 7.75
N GLN A 366 19.60 -0.08 7.89
CA GLN A 366 19.54 -0.96 6.74
C GLN A 366 18.12 -1.41 6.43
N GLY A 367 17.16 -0.93 7.21
CA GLY A 367 15.75 -1.16 6.92
C GLY A 367 15.19 -2.52 7.35
N VAL A 368 15.79 -3.12 8.37
CA VAL A 368 15.25 -4.37 8.92
C VAL A 368 14.63 -4.14 10.30
N ARG A 369 13.45 -4.72 10.52
CA ARG A 369 12.71 -4.51 11.75
C ARG A 369 13.04 -5.53 12.85
N TYR A 370 13.10 -5.05 14.08
CA TYR A 370 13.33 -5.91 15.24
C TYR A 370 12.24 -5.66 16.28
N GLY A 371 11.60 -6.74 16.73
CA GLY A 371 10.54 -6.61 17.72
C GLY A 371 11.07 -6.18 19.07
N VAL A 372 10.50 -5.11 19.62
CA VAL A 372 10.80 -4.69 20.98
C VAL A 372 9.58 -5.00 21.85
N PRO A 373 9.66 -6.08 22.64
CA PRO A 373 8.54 -6.69 23.36
C PRO A 373 7.77 -5.76 24.30
N ASN A 374 8.48 -4.87 24.98
CA ASN A 374 7.83 -3.97 25.94
C ASN A 374 8.53 -2.63 26.10
N ALA A 375 7.98 -1.80 27.00
CA ALA A 375 8.47 -0.44 27.19
C ALA A 375 9.80 -0.41 27.94
N GLU A 376 9.90 -1.28 28.96
CA GLU A 376 11.12 -1.36 29.76
C GLU A 376 12.29 -1.81 28.89
N THR A 377 12.03 -2.77 28.02
CA THR A 377 13.03 -3.26 27.07
C THR A 377 13.49 -2.12 26.17
N ALA A 378 12.54 -1.32 25.73
CA ALA A 378 12.82 -0.14 24.91
C ALA A 378 13.64 0.90 25.68
N LYS A 379 13.28 1.11 26.94
CA LYS A 379 13.97 2.09 27.78
C LYS A 379 15.41 1.66 28.05
N SER A 380 15.63 0.35 28.11
CA SER A 380 16.98 -0.19 28.32
C SER A 380 17.84 0.06 27.09
N LEU A 381 17.20 0.11 25.94
CA LEU A 381 17.88 0.40 24.68
C LEU A 381 18.10 1.90 24.53
N GLY A 382 17.42 2.67 25.37
CA GLY A 382 17.47 4.12 25.27
C GLY A 382 16.47 4.61 24.22
N LEU A 383 15.62 3.70 23.76
CA LEU A 383 14.60 4.03 22.78
C LEU A 383 13.43 4.74 23.42
N SER A 384 12.98 5.83 22.79
CA SER A 384 11.92 6.65 23.36
C SER A 384 10.87 7.05 22.33
N SER A 385 9.62 7.07 22.78
CA SER A 385 8.49 7.58 21.98
C SER A 385 8.39 6.96 20.57
N PRO A 386 7.71 5.81 20.48
CA PRO A 386 7.47 5.21 19.16
C PRO A 386 6.50 6.06 18.35
N GLN A 387 6.79 6.25 17.07
CA GLN A 387 5.88 6.95 16.18
C GLN A 387 4.97 5.96 15.47
N ASN A 388 3.71 6.35 15.28
CA ASN A 388 2.75 5.45 14.65
C ASN A 388 3.12 5.15 13.20
N ALA A 389 3.21 3.87 12.86
CA ALA A 389 3.49 3.44 11.49
C ALA A 389 2.49 2.38 11.05
N PRO A 390 2.15 2.35 9.75
CA PRO A 390 1.21 1.35 9.24
C PRO A 390 1.86 -0.03 9.09
N TRP A 391 1.16 -1.05 9.56
CA TRP A 391 1.67 -2.41 9.44
C TRP A 391 1.68 -2.86 7.97
N GLU A 392 0.89 -2.20 7.14
CA GLU A 392 0.77 -2.55 5.73
C GLU A 392 2.07 -2.33 4.96
N ILE A 393 3.02 -1.65 5.59
CA ILE A 393 4.29 -1.33 4.98
C ILE A 393 5.48 -1.87 5.79
N VAL A 394 5.46 -1.66 7.10
CA VAL A 394 6.52 -2.16 7.98
C VAL A 394 6.65 -3.67 7.91
N ARG A 395 5.54 -4.35 7.64
CA ARG A 395 5.52 -5.80 7.48
C ARG A 395 6.46 -6.26 6.38
N LEU A 396 6.59 -5.43 5.34
CA LEU A 396 7.38 -5.79 4.17
C LEU A 396 8.87 -5.78 4.43
N LEU A 397 9.28 -5.28 5.59
CA LEU A 397 10.69 -5.26 5.94
C LEU A 397 11.09 -6.64 6.41
N VAL A 398 12.39 -6.95 6.33
CA VAL A 398 12.90 -8.21 6.85
C VAL A 398 12.80 -8.24 8.36
N ASP A 399 12.06 -9.21 8.88
CA ASP A 399 11.86 -9.32 10.33
C ASP A 399 13.06 -9.94 11.02
N GLY A 400 13.82 -9.12 11.73
CA GLY A 400 14.98 -9.61 12.44
C GLY A 400 14.60 -10.28 13.75
N PRO A 401 15.59 -10.76 14.51
CA PRO A 401 15.34 -11.43 15.78
C PRO A 401 14.78 -10.48 16.83
N VAL A 402 13.92 -10.99 17.71
CA VAL A 402 13.30 -10.19 18.76
C VAL A 402 14.37 -9.76 19.78
N LEU A 403 14.43 -8.47 20.07
CA LEU A 403 15.41 -7.95 21.00
C LEU A 403 14.89 -8.11 22.42
N SER A 404 15.11 -9.28 23.02
CA SER A 404 14.58 -9.54 24.36
C SER A 404 15.68 -9.85 25.37
N LYS A 405 15.38 -9.58 26.63
CA LYS A 405 16.27 -9.83 27.75
C LYS A 405 16.73 -11.28 27.80
N ASP A 406 15.78 -12.20 27.63
CA ASP A 406 16.07 -13.63 27.70
C ASP A 406 16.96 -14.08 26.54
N ALA A 407 16.78 -13.45 25.39
CA ALA A 407 17.50 -13.83 24.17
C ALA A 407 18.98 -13.47 24.23
N ALA A 408 19.27 -12.27 24.72
CA ALA A 408 20.64 -11.76 24.78
C ALA A 408 21.49 -12.46 25.84
N LEU A 409 20.94 -13.50 26.45
CA LEU A 409 21.69 -14.30 27.41
C LEU A 409 22.00 -15.69 26.84
N LEU A 410 23.29 -15.99 26.67
CA LEU A 410 23.71 -17.27 26.12
C LEU A 410 25.06 -17.73 26.67
#